data_2R4B
#
_entry.id   2R4B
#
_cell.length_a   63.872
_cell.length_b   63.872
_cell.length_c   163.607
_cell.angle_alpha   90.00
_cell.angle_beta   90.00
_cell.angle_gamma   90.00
#
_symmetry.space_group_name_H-M   'P 43'
#
loop_
_entity.id
_entity.type
_entity.pdbx_description
1 polymer 'Receptor tyrosine-protein kinase erbB-4'
2 non-polymer N-{3-chloro-4-[(3-fluorobenzyl)oxy]phenyl}-6-ethylthieno[3,2-d]pyrimidin-4-amine
3 water water
#
_entity_poly.entity_id   1
_entity_poly.type   'polypeptide(L)'
_entity_poly.pdbx_seq_one_letter_code
;MKKGHHHHHHGLETELVEPLTPSGTAPNQAQLRILKETELKRVKVLGSGAFGTVYKGIWVPEGETVKIPVAIKILNETTG
PKANVEFMDEALIMASMDHPHLVRLLGVCLSPTIQLVTQLMPHGCLLEYVHEHKDNIGSQLLLNWCVQIAKGMMYLEERR
LVHRDLAARNVLVKSPNHVKITDFGLARLLEGDEKEYNADGGKMPIKWMALECIHYRKFTHQSDVWSYGVTIWELMTFGG
KPYDGIPTREIPDLLEKGERLPQPPICTIDVYMVMVKCWMIDADSRPKFKELAAEFSRMARDPQRYLVIQGDDRMKLPSP
N
;
_entity_poly.pdbx_strand_id   A,B
#
loop_
_chem_comp.id
_chem_comp.type
_chem_comp.name
_chem_comp.formula
GW7 non-polymer N-{3-chloro-4-[(3-fluorobenzyl)oxy]phenyl}-6-ethylthieno[3,2-d]pyrimidin-4-amine 'C21 H17 Cl F N3 O S'
#
# COMPACT_ATOMS: atom_id res chain seq x y z
N LEU A 16 25.94 -57.70 -23.89
CA LEU A 16 26.93 -57.54 -22.79
C LEU A 16 26.29 -56.79 -21.63
N VAL A 17 27.12 -56.32 -20.70
CA VAL A 17 26.66 -55.49 -19.58
C VAL A 17 27.47 -54.20 -19.59
N GLU A 18 26.78 -53.07 -19.40
CA GLU A 18 27.35 -51.74 -19.53
C GLU A 18 28.45 -51.46 -18.49
N PRO A 19 29.60 -50.94 -18.95
CA PRO A 19 30.74 -50.59 -18.08
C PRO A 19 30.38 -49.59 -16.98
N LEU A 20 30.61 -50.00 -15.74
CA LEU A 20 30.23 -49.23 -14.56
C LEU A 20 31.16 -48.05 -14.35
N THR A 21 30.57 -46.88 -14.07
CA THR A 21 31.33 -45.65 -13.82
C THR A 21 30.55 -44.73 -12.85
N PRO A 22 30.64 -44.99 -11.53
CA PRO A 22 29.82 -44.25 -10.59
C PRO A 22 30.25 -42.80 -10.42
N SER A 23 29.27 -41.92 -10.19
CA SER A 23 29.52 -40.54 -9.80
C SER A 23 28.66 -40.29 -8.57
N GLY A 24 29.29 -39.89 -7.48
CA GLY A 24 28.63 -39.83 -6.16
C GLY A 24 27.40 -38.94 -6.04
N THR A 25 26.85 -38.53 -7.17
CA THR A 25 25.63 -37.73 -7.21
C THR A 25 24.47 -38.57 -6.69
N ALA A 26 23.74 -38.01 -5.73
CA ALA A 26 22.61 -38.66 -5.09
C ALA A 26 21.46 -38.83 -6.08
N PRO A 27 20.72 -39.95 -6.00
CA PRO A 27 19.54 -40.15 -6.83
C PRO A 27 18.49 -39.05 -6.63
N ASN A 28 17.83 -38.67 -7.71
CA ASN A 28 16.76 -37.69 -7.68
C ASN A 28 15.43 -38.41 -7.47
N GLN A 29 14.99 -38.50 -6.21
CA GLN A 29 13.77 -39.23 -5.89
C GLN A 29 12.54 -38.33 -5.81
N ALA A 30 12.61 -37.17 -6.46
CA ALA A 30 11.46 -36.28 -6.59
C ALA A 30 10.30 -37.05 -7.22
N GLN A 31 9.08 -36.77 -6.76
CA GLN A 31 7.88 -37.37 -7.34
C GLN A 31 7.19 -36.38 -8.28
N LEU A 32 6.82 -36.85 -9.46
CA LEU A 32 5.92 -36.09 -10.32
C LEU A 32 4.66 -36.92 -10.54
N ARG A 33 3.52 -36.32 -10.22
CA ARG A 33 2.25 -36.98 -10.38
C ARG A 33 1.62 -36.59 -11.70
N ILE A 34 1.28 -37.60 -12.49
CA ILE A 34 0.51 -37.39 -13.72
C ILE A 34 -0.97 -37.42 -13.35
N LEU A 35 -1.66 -36.31 -13.56
CA LEU A 35 -3.02 -36.14 -13.03
C LEU A 35 -4.07 -36.27 -14.12
N LYS A 36 -5.16 -36.97 -13.79
CA LYS A 36 -6.32 -37.06 -14.66
C LYS A 36 -7.00 -35.69 -14.73
N GLU A 37 -7.46 -35.34 -15.93
CA GLU A 37 -8.17 -34.08 -16.23
C GLU A 37 -9.25 -33.75 -15.19
N THR A 38 -9.90 -34.81 -14.70
CA THR A 38 -11.07 -34.74 -13.83
C THR A 38 -10.74 -34.59 -12.35
N GLU A 39 -9.45 -34.73 -12.00
CA GLU A 39 -9.01 -34.53 -10.61
C GLU A 39 -8.94 -33.05 -10.29
N LEU A 40 -9.05 -32.22 -11.33
CA LEU A 40 -8.89 -30.77 -11.21
C LEU A 40 -10.16 -30.01 -11.56
N LYS A 41 -10.45 -28.97 -10.77
CA LYS A 41 -11.51 -28.02 -11.03
C LYS A 41 -10.94 -26.60 -10.94
N ARG A 42 -11.39 -25.71 -11.82
CA ARG A 42 -10.95 -24.32 -11.82
C ARG A 42 -12.00 -23.42 -11.15
N VAL A 43 -11.60 -22.66 -10.14
CA VAL A 43 -12.49 -21.73 -9.46
C VAL A 43 -12.62 -20.42 -10.25
N LYS A 44 -11.46 -19.79 -10.52
CA LYS A 44 -11.40 -18.55 -11.29
C LYS A 44 -9.97 -18.35 -11.86
N VAL A 45 -9.77 -17.21 -12.52
CA VAL A 45 -8.48 -16.83 -13.08
C VAL A 45 -7.71 -15.96 -12.09
N LEU A 46 -6.42 -16.24 -11.93
CA LEU A 46 -5.56 -15.42 -11.08
C LEU A 46 -4.78 -14.39 -11.90
N GLY A 47 -4.28 -14.83 -13.05
CA GLY A 47 -3.51 -13.97 -13.95
C GLY A 47 -3.39 -14.64 -15.31
N SER A 48 -2.91 -13.87 -16.29
CA SER A 48 -2.65 -14.37 -17.64
C SER A 48 -1.67 -13.45 -18.34
N GLY A 49 -0.86 -14.02 -19.23
CA GLY A 49 0.15 -13.27 -19.97
C GLY A 49 0.92 -14.11 -20.96
N ALA A 50 2.12 -13.67 -21.30
CA ALA A 50 3.01 -14.37 -22.22
C ALA A 50 3.29 -15.82 -21.79
N PHE A 51 3.33 -16.04 -20.49
CA PHE A 51 3.60 -17.35 -19.89
C PHE A 51 2.41 -18.31 -20.04
N GLY A 52 1.20 -17.76 -19.94
CA GLY A 52 -0.04 -18.55 -20.00
C GLY A 52 -1.03 -18.06 -18.97
N THR A 53 -2.15 -18.78 -18.83
CA THR A 53 -3.17 -18.43 -17.86
C THR A 53 -3.04 -19.25 -16.59
N VAL A 54 -3.06 -18.57 -15.44
CA VAL A 54 -3.02 -19.21 -14.13
C VAL A 54 -4.40 -19.14 -13.49
N TYR A 55 -4.92 -20.33 -13.14
CA TYR A 55 -6.22 -20.45 -12.50
C TYR A 55 -6.09 -20.81 -11.03
N LYS A 56 -6.99 -20.26 -10.22
CA LYS A 56 -7.17 -20.75 -8.87
C LYS A 56 -8.00 -22.02 -9.01
N GLY A 57 -7.67 -23.04 -8.24
CA GLY A 57 -8.32 -24.33 -8.41
C GLY A 57 -8.30 -25.26 -7.23
N ILE A 58 -8.91 -26.43 -7.44
CA ILE A 58 -9.04 -27.47 -6.44
C ILE A 58 -8.58 -28.79 -7.04
N TRP A 59 -7.64 -29.44 -6.36
CA TRP A 59 -7.20 -30.77 -6.75
C TRP A 59 -7.71 -31.81 -5.75
N VAL A 60 -8.53 -32.73 -6.27
CA VAL A 60 -8.93 -33.90 -5.50
C VAL A 60 -8.19 -35.12 -6.07
N PRO A 61 -7.12 -35.58 -5.38
CA PRO A 61 -6.30 -36.71 -5.85
C PRO A 61 -7.11 -37.97 -6.10
N GLU A 62 -6.52 -38.94 -6.82
CA GLU A 62 -7.25 -40.13 -7.28
C GLU A 62 -7.57 -41.12 -6.15
N GLY A 63 -8.84 -41.14 -5.75
CA GLY A 63 -9.31 -42.02 -4.68
C GLY A 63 -9.45 -41.32 -3.35
N GLU A 64 -8.71 -40.21 -3.18
CA GLU A 64 -8.72 -39.45 -1.94
C GLU A 64 -9.92 -38.51 -1.83
N THR A 65 -10.01 -37.83 -0.68
CA THR A 65 -11.14 -36.95 -0.35
C THR A 65 -10.73 -35.48 -0.30
N VAL A 66 -9.55 -35.20 0.25
CA VAL A 66 -9.11 -33.82 0.50
C VAL A 66 -9.09 -32.95 -0.76
N LYS A 67 -9.59 -31.73 -0.63
CA LYS A 67 -9.69 -30.78 -1.73
C LYS A 67 -8.53 -29.79 -1.64
N ILE A 68 -7.38 -30.17 -2.18
CA ILE A 68 -6.15 -29.39 -2.09
C ILE A 68 -6.17 -28.10 -2.93
N PRO A 69 -6.05 -26.93 -2.28
CA PRO A 69 -5.98 -25.67 -3.02
C PRO A 69 -4.74 -25.59 -3.91
N VAL A 70 -4.97 -25.36 -5.21
CA VAL A 70 -3.89 -25.35 -6.20
C VAL A 70 -3.99 -24.18 -7.18
N ALA A 71 -2.86 -23.90 -7.83
CA ALA A 71 -2.85 -23.07 -9.02
C ALA A 71 -2.56 -23.98 -10.21
N ILE A 72 -3.27 -23.73 -11.31
CA ILE A 72 -3.12 -24.50 -12.53
C ILE A 72 -2.68 -23.53 -13.61
N LYS A 73 -1.63 -23.89 -14.34
CA LYS A 73 -1.15 -23.05 -15.44
C LYS A 73 -1.26 -23.79 -16.75
N ILE A 74 -1.90 -23.14 -17.72
CA ILE A 74 -2.05 -23.67 -19.06
C ILE A 74 -1.25 -22.79 -20.02
N LEU A 75 -0.49 -23.43 -20.92
CA LEU A 75 0.33 -22.72 -21.91
C LEU A 75 -0.33 -22.76 -23.29
N ASN A 76 -0.21 -21.67 -24.05
CA ASN A 76 -0.87 -21.52 -25.36
C ASN A 76 -0.31 -22.44 -26.46
N ALA A 83 8.77 -30.70 -29.19
CA ALA A 83 8.63 -29.71 -28.08
C ALA A 83 8.29 -30.35 -26.73
N ASN A 84 7.43 -31.37 -26.77
CA ASN A 84 6.94 -32.02 -25.55
C ASN A 84 8.00 -32.83 -24.80
N VAL A 85 9.05 -33.23 -25.51
CA VAL A 85 10.23 -33.86 -24.91
C VAL A 85 10.92 -32.82 -24.01
N GLU A 86 11.03 -31.61 -24.52
CA GLU A 86 11.65 -30.50 -23.80
C GLU A 86 10.78 -30.05 -22.63
N PHE A 87 9.47 -30.17 -22.80
CA PHE A 87 8.55 -29.85 -21.71
C PHE A 87 8.66 -30.85 -20.57
N MET A 88 8.60 -32.13 -20.88
CA MET A 88 8.73 -33.16 -19.87
C MET A 88 10.11 -33.11 -19.21
N ASP A 89 11.11 -32.60 -19.93
CA ASP A 89 12.44 -32.38 -19.37
C ASP A 89 12.46 -31.22 -18.37
N GLU A 90 11.75 -30.15 -18.73
CA GLU A 90 11.64 -28.97 -17.87
C GLU A 90 10.77 -29.25 -16.65
N ALA A 91 9.77 -30.11 -16.83
CA ALA A 91 8.86 -30.52 -15.76
C ALA A 91 9.59 -31.31 -14.68
N LEU A 92 10.62 -32.04 -15.08
CA LEU A 92 11.48 -32.78 -14.16
C LEU A 92 12.26 -31.82 -13.27
N ILE A 93 12.84 -30.79 -13.87
CA ILE A 93 13.55 -29.74 -13.14
C ILE A 93 12.63 -29.08 -12.10
N MET A 94 11.44 -28.68 -12.53
CA MET A 94 10.48 -27.96 -11.68
C MET A 94 10.03 -28.80 -10.48
N ALA A 95 9.85 -30.09 -10.70
CA ALA A 95 9.44 -31.00 -9.62
C ALA A 95 10.57 -31.34 -8.66
N SER A 96 11.81 -31.06 -9.05
CA SER A 96 12.98 -31.48 -8.29
C SER A 96 13.39 -30.43 -7.28
N MET A 97 12.74 -29.27 -7.34
CA MET A 97 13.13 -28.14 -6.52
C MET A 97 12.67 -28.31 -5.08
N ASP A 98 13.62 -28.34 -4.16
CA ASP A 98 13.34 -28.59 -2.75
C ASP A 98 14.02 -27.52 -1.89
N HIS A 99 13.35 -26.39 -1.76
CA HIS A 99 13.89 -25.24 -1.04
C HIS A 99 12.72 -24.41 -0.52
N PRO A 100 12.82 -23.91 0.74
CA PRO A 100 11.68 -23.20 1.32
C PRO A 100 11.23 -22.00 0.49
N HIS A 101 12.13 -21.41 -0.29
CA HIS A 101 11.84 -20.16 -1.00
C HIS A 101 11.77 -20.30 -2.53
N LEU A 102 11.46 -21.52 -2.96
CA LEU A 102 11.14 -21.83 -4.33
C LEU A 102 9.93 -22.73 -4.30
N VAL A 103 9.04 -22.56 -5.27
CA VAL A 103 7.91 -23.46 -5.40
C VAL A 103 8.34 -24.83 -5.95
N ARG A 104 7.49 -25.83 -5.75
CA ARG A 104 7.70 -27.17 -6.28
C ARG A 104 6.48 -27.58 -7.10
N LEU A 105 6.69 -28.16 -8.28
CA LEU A 105 5.58 -28.66 -9.08
C LEU A 105 5.02 -29.92 -8.42
N LEU A 106 3.72 -29.91 -8.15
CA LEU A 106 3.03 -31.06 -7.55
C LEU A 106 2.70 -32.10 -8.62
N GLY A 107 2.12 -31.63 -9.72
CA GLY A 107 1.67 -32.53 -10.78
C GLY A 107 1.60 -31.94 -12.16
N VAL A 108 1.49 -32.83 -13.15
CA VAL A 108 1.28 -32.45 -14.53
C VAL A 108 0.01 -33.16 -15.04
N CYS A 109 -0.88 -32.40 -15.67
CA CYS A 109 -1.98 -33.01 -16.41
C CYS A 109 -1.73 -32.84 -17.90
N LEU A 110 -1.78 -33.95 -18.63
CA LEU A 110 -1.41 -33.98 -20.04
C LEU A 110 -2.56 -33.61 -21.00
N SER A 111 -3.78 -33.55 -20.48
CA SER A 111 -4.98 -33.38 -21.31
C SER A 111 -5.85 -32.20 -20.89
N PRO A 112 -6.51 -31.50 -21.84
CA PRO A 112 -6.43 -31.65 -23.31
C PRO A 112 -5.11 -31.13 -23.87
N THR A 113 -4.57 -30.11 -23.22
CA THR A 113 -3.18 -29.69 -23.41
C THR A 113 -2.52 -29.72 -22.03
N ILE A 114 -1.20 -29.68 -22.01
CA ILE A 114 -0.43 -29.84 -20.79
C ILE A 114 -0.67 -28.74 -19.76
N GLN A 115 -1.03 -29.16 -18.56
CA GLN A 115 -1.33 -28.24 -17.46
C GLN A 115 -0.37 -28.48 -16.30
N LEU A 116 0.13 -27.37 -15.75
CA LEU A 116 1.02 -27.39 -14.59
C LEU A 116 0.25 -27.11 -13.31
N VAL A 117 0.46 -27.94 -12.30
CA VAL A 117 -0.28 -27.90 -11.04
C VAL A 117 0.67 -27.74 -9.85
N THR A 118 0.43 -26.70 -9.07
CA THR A 118 1.27 -26.39 -7.92
C THR A 118 0.40 -25.92 -6.77
N GLN A 119 0.92 -26.06 -5.56
CA GLN A 119 0.21 -25.63 -4.35
C GLN A 119 -0.12 -24.14 -4.44
N LEU A 120 -1.36 -23.78 -4.13
CA LEU A 120 -1.78 -22.38 -4.16
C LEU A 120 -1.16 -21.65 -2.98
N MET A 121 -0.67 -20.43 -3.23
CA MET A 121 -0.17 -19.57 -2.18
C MET A 121 -1.28 -18.61 -1.77
N PRO A 122 -1.80 -18.78 -0.54
CA PRO A 122 -3.02 -18.10 -0.08
C PRO A 122 -2.89 -16.57 -0.01
N HIS A 123 -1.68 -16.07 0.23
CA HIS A 123 -1.48 -14.62 0.31
C HIS A 123 -1.07 -14.03 -1.04
N GLY A 124 -0.99 -14.88 -2.07
CA GLY A 124 -0.88 -14.44 -3.45
C GLY A 124 0.48 -13.96 -3.90
N CYS A 125 0.49 -12.94 -4.75
CA CYS A 125 1.73 -12.43 -5.34
C CYS A 125 2.30 -11.29 -4.52
N LEU A 126 3.62 -11.27 -4.39
CA LEU A 126 4.32 -10.27 -3.58
C LEU A 126 4.08 -8.84 -4.06
N LEU A 127 4.18 -8.60 -5.36
CA LEU A 127 3.91 -7.29 -5.96
C LEU A 127 2.55 -6.70 -5.56
N GLU A 128 1.52 -7.55 -5.51
CA GLU A 128 0.19 -7.13 -5.07
C GLU A 128 0.12 -6.97 -3.54
N TYR A 129 0.86 -7.82 -2.84
CA TYR A 129 0.87 -7.83 -1.38
C TYR A 129 1.51 -6.57 -0.82
N VAL A 130 2.64 -6.14 -1.39
CA VAL A 130 3.34 -4.93 -0.93
C VAL A 130 2.52 -3.65 -1.09
N HIS A 131 1.80 -3.55 -2.21
CA HIS A 131 1.00 -2.37 -2.51
C HIS A 131 -0.22 -2.30 -1.61
N GLU A 132 -0.81 -3.47 -1.34
CA GLU A 132 -2.01 -3.55 -0.51
C GLU A 132 -1.69 -3.39 0.97
N HIS A 133 -0.56 -3.92 1.40
CA HIS A 133 -0.17 -3.87 2.81
C HIS A 133 0.91 -2.82 3.13
N LYS A 134 1.11 -1.91 2.16
CA LYS A 134 2.09 -0.81 2.23
C LYS A 134 2.21 -0.17 3.61
N ASP A 135 1.08 0.29 4.14
CA ASP A 135 1.07 1.08 5.35
C ASP A 135 1.38 0.25 6.61
N ASN A 136 1.57 -1.06 6.42
CA ASN A 136 1.86 -1.98 7.52
C ASN A 136 3.03 -2.95 7.26
N ILE A 137 3.89 -2.62 6.30
CA ILE A 137 5.13 -3.39 6.05
C ILE A 137 6.34 -2.63 6.63
N GLY A 138 7.12 -3.31 7.47
CA GLY A 138 8.29 -2.73 8.11
C GLY A 138 9.61 -3.08 7.44
N SER A 139 10.69 -2.52 7.98
CA SER A 139 12.04 -2.75 7.47
C SER A 139 12.50 -4.20 7.65
N GLN A 140 12.11 -4.82 8.76
CA GLN A 140 12.51 -6.20 9.03
C GLN A 140 11.97 -7.15 7.96
N LEU A 141 10.67 -7.02 7.70
CA LEU A 141 9.96 -7.80 6.69
C LEU A 141 10.56 -7.65 5.29
N LEU A 142 10.73 -6.40 4.84
CA LEU A 142 11.29 -6.12 3.53
C LEU A 142 12.70 -6.68 3.37
N LEU A 143 13.53 -6.51 4.39
CA LEU A 143 14.92 -7.01 4.37
C LEU A 143 15.01 -8.52 4.42
N ASN A 144 14.09 -9.15 5.14
CA ASN A 144 13.97 -10.62 5.16
C ASN A 144 13.54 -11.22 3.82
N TRP A 145 12.62 -10.56 3.11
CA TRP A 145 12.27 -10.99 1.77
C TRP A 145 13.43 -10.94 0.79
N CYS A 146 14.30 -9.94 0.95
CA CYS A 146 15.47 -9.80 0.11
C CYS A 146 16.40 -11.01 0.29
N VAL A 147 16.42 -11.55 1.51
CA VAL A 147 17.26 -12.70 1.85
C VAL A 147 16.69 -13.98 1.26
N GLN A 148 15.39 -14.16 1.45
CA GLN A 148 14.68 -15.35 1.00
C GLN A 148 14.69 -15.49 -0.51
N ILE A 149 14.39 -14.41 -1.22
CA ILE A 149 14.54 -14.37 -2.67
C ILE A 149 15.96 -14.76 -3.10
N ALA A 150 16.97 -14.11 -2.51
CA ALA A 150 18.36 -14.36 -2.88
C ALA A 150 18.78 -15.80 -2.60
N LYS A 151 18.40 -16.32 -1.43
CA LYS A 151 18.55 -17.74 -1.10
C LYS A 151 17.96 -18.70 -2.13
N GLY A 152 16.71 -18.51 -2.52
CA GLY A 152 16.09 -19.34 -3.57
C GLY A 152 16.85 -19.29 -4.89
N MET A 153 17.36 -18.12 -5.23
CA MET A 153 18.15 -17.91 -6.44
C MET A 153 19.51 -18.60 -6.34
N MET A 154 20.12 -18.47 -5.15
CA MET A 154 21.31 -19.21 -4.76
C MET A 154 21.14 -20.69 -5.05
N TYR A 155 19.98 -21.24 -4.65
CA TYR A 155 19.66 -22.66 -4.84
C TYR A 155 19.51 -23.01 -6.31
N LEU A 156 18.87 -22.11 -7.08
CA LEU A 156 18.77 -22.26 -8.53
C LEU A 156 20.14 -22.29 -9.19
N GLU A 157 20.98 -21.30 -8.86
CA GLU A 157 22.34 -21.19 -9.42
C GLU A 157 23.20 -22.42 -9.16
N GLU A 158 23.08 -22.96 -7.95
CA GLU A 158 23.75 -24.17 -7.51
C GLU A 158 23.44 -25.31 -8.47
N ARG A 159 22.23 -25.30 -9.03
CA ARG A 159 21.77 -26.34 -9.98
C ARG A 159 22.01 -25.94 -11.44
N ARG A 160 22.72 -24.82 -11.65
CA ARG A 160 22.98 -24.23 -12.97
C ARG A 160 21.71 -23.80 -13.72
N LEU A 161 20.74 -23.31 -12.96
CA LEU A 161 19.45 -22.92 -13.50
C LEU A 161 19.27 -21.42 -13.48
N VAL A 162 19.01 -20.86 -14.65
CA VAL A 162 18.76 -19.42 -14.80
C VAL A 162 17.24 -19.23 -14.84
N HIS A 163 16.75 -18.27 -14.06
CA HIS A 163 15.32 -17.98 -14.04
C HIS A 163 14.87 -17.28 -15.31
N ARG A 164 15.55 -16.18 -15.66
CA ARG A 164 15.29 -15.39 -16.88
C ARG A 164 14.16 -14.38 -16.75
N ASP A 165 13.32 -14.56 -15.73
CA ASP A 165 12.17 -13.70 -15.55
C ASP A 165 11.88 -13.44 -14.06
N LEU A 166 12.94 -13.18 -13.30
CA LEU A 166 12.77 -12.78 -11.92
C LEU A 166 12.17 -11.38 -11.85
N ALA A 167 11.11 -11.24 -11.05
CA ALA A 167 10.35 -10.01 -10.89
C ALA A 167 9.44 -10.18 -9.67
N ALA A 168 9.12 -9.08 -8.98
CA ALA A 168 8.23 -9.14 -7.81
C ALA A 168 6.94 -9.88 -8.11
N ARG A 169 6.51 -9.79 -9.36
CA ARG A 169 5.30 -10.47 -9.86
C ARG A 169 5.43 -11.99 -9.86
N ASN A 170 6.67 -12.49 -9.92
CA ASN A 170 6.95 -13.93 -9.87
C ASN A 170 7.45 -14.41 -8.50
N VAL A 171 7.15 -13.63 -7.46
CA VAL A 171 7.40 -14.05 -6.09
C VAL A 171 6.02 -14.05 -5.42
N LEU A 172 5.71 -15.19 -4.78
CA LEU A 172 4.44 -15.44 -4.13
C LEU A 172 4.59 -15.46 -2.60
N VAL A 173 3.51 -15.13 -1.90
CA VAL A 173 3.52 -15.04 -0.44
C VAL A 173 2.79 -16.25 0.15
N LYS A 174 3.54 -17.16 0.76
CA LYS A 174 2.93 -18.30 1.48
C LYS A 174 2.31 -17.78 2.76
N SER A 175 3.13 -17.10 3.54
CA SER A 175 2.69 -16.31 4.68
C SER A 175 3.56 -15.04 4.71
N PRO A 176 3.11 -13.98 5.42
CA PRO A 176 3.85 -12.70 5.45
C PRO A 176 5.36 -12.84 5.60
N ASN A 177 5.79 -13.78 6.45
CA ASN A 177 7.21 -13.98 6.75
C ASN A 177 7.89 -15.07 5.91
N HIS A 178 7.29 -15.42 4.77
CA HIS A 178 7.77 -16.55 3.98
C HIS A 178 7.33 -16.41 2.52
N VAL A 179 8.27 -16.07 1.66
CA VAL A 179 8.00 -15.94 0.23
C VAL A 179 8.65 -17.08 -0.55
N LYS A 180 8.12 -17.34 -1.75
CA LYS A 180 8.65 -18.36 -2.66
C LYS A 180 8.77 -17.77 -4.06
N ILE A 181 9.83 -18.12 -4.77
CA ILE A 181 9.98 -17.77 -6.17
C ILE A 181 9.28 -18.80 -7.06
N THR A 182 8.62 -18.33 -8.12
CA THR A 182 7.94 -19.21 -9.06
C THR A 182 8.28 -18.88 -10.50
N ASP A 183 7.82 -19.75 -11.40
CA ASP A 183 7.88 -19.58 -12.86
C ASP A 183 9.26 -19.72 -13.48
N PHE A 184 10.18 -20.35 -12.76
CA PHE A 184 11.52 -20.62 -13.30
C PHE A 184 11.45 -21.72 -14.38
N GLY A 185 12.22 -21.53 -15.44
CA GLY A 185 12.27 -22.52 -16.52
C GLY A 185 11.36 -22.24 -17.70
N LEU A 186 10.15 -21.73 -17.42
CA LEU A 186 9.16 -21.49 -18.48
C LEU A 186 9.63 -20.60 -19.62
N ALA A 187 10.37 -19.55 -19.29
CA ALA A 187 10.89 -18.61 -20.28
C ALA A 187 11.75 -19.28 -21.36
N ARG A 188 12.69 -20.11 -20.93
CA ARG A 188 13.57 -20.83 -21.87
C ARG A 188 12.78 -21.86 -22.65
N LEU A 189 11.78 -22.43 -22.00
CA LEU A 189 10.93 -23.45 -22.61
C LEU A 189 10.09 -22.87 -23.76
N LEU A 190 9.60 -21.64 -23.56
CA LEU A 190 8.79 -20.96 -24.57
C LEU A 190 9.62 -20.22 -25.62
N GLU A 191 10.73 -19.60 -25.20
CA GLU A 191 11.59 -18.84 -26.11
C GLU A 191 12.67 -19.67 -26.79
N GLY A 192 13.45 -20.41 -26.01
CA GLY A 192 14.62 -21.13 -26.50
C GLY A 192 15.92 -20.41 -26.18
N ASP A 193 17.00 -20.86 -26.80
CA ASP A 193 18.35 -20.34 -26.54
C ASP A 193 18.99 -19.62 -27.73
N GLU A 194 18.19 -19.24 -28.72
CA GLU A 194 18.72 -18.58 -29.91
C GLU A 194 19.29 -17.21 -29.56
N LYS A 195 20.55 -16.97 -29.92
CA LYS A 195 21.25 -15.74 -29.56
C LYS A 195 20.57 -14.49 -30.12
N GLU A 196 20.21 -14.55 -31.40
CA GLU A 196 19.59 -13.43 -32.10
C GLU A 196 18.09 -13.37 -31.83
N TYR A 197 17.59 -12.19 -31.48
CA TYR A 197 16.16 -11.95 -31.45
C TYR A 197 15.63 -11.73 -32.87
N ASN A 198 14.49 -12.35 -33.17
CA ASN A 198 13.80 -12.00 -34.40
C ASN A 198 12.84 -10.83 -34.15
N ALA A 199 11.95 -10.56 -35.09
CA ALA A 199 11.08 -9.37 -35.02
C ALA A 199 10.07 -9.43 -33.87
N ASP A 200 9.85 -10.66 -33.37
CA ASP A 200 8.95 -10.92 -32.27
C ASP A 200 9.58 -10.52 -30.94
N GLY A 201 10.91 -10.49 -30.88
CA GLY A 201 11.65 -10.12 -29.69
C GLY A 201 11.52 -11.17 -28.60
N GLY A 202 11.72 -10.74 -27.35
CA GLY A 202 11.60 -11.62 -26.18
C GLY A 202 10.23 -11.62 -25.52
N LYS A 203 10.01 -12.56 -24.61
CA LYS A 203 8.73 -12.60 -23.88
C LYS A 203 8.81 -11.92 -22.52
N MET A 204 10.01 -11.81 -21.96
CA MET A 204 10.18 -11.18 -20.66
C MET A 204 10.16 -9.65 -20.78
N PRO A 205 9.66 -8.95 -19.73
CA PRO A 205 9.61 -7.49 -19.77
C PRO A 205 11.01 -6.86 -19.75
N ILE A 206 11.26 -6.01 -20.73
CA ILE A 206 12.54 -5.32 -20.91
C ILE A 206 13.07 -4.66 -19.63
N LYS A 207 12.17 -4.10 -18.83
CA LYS A 207 12.58 -3.25 -17.70
C LYS A 207 13.19 -4.00 -16.52
N TRP A 208 13.08 -5.34 -16.55
CA TRP A 208 13.68 -6.20 -15.54
C TRP A 208 14.93 -6.87 -16.09
N MET A 209 15.19 -6.65 -17.38
CA MET A 209 16.17 -7.41 -18.14
C MET A 209 17.55 -6.79 -18.05
N ALA A 210 18.57 -7.63 -17.91
CA ALA A 210 19.96 -7.18 -17.95
C ALA A 210 20.31 -6.67 -19.34
N LEU A 211 21.12 -5.62 -19.38
CA LEU A 211 21.45 -4.93 -20.63
C LEU A 211 21.91 -5.87 -21.76
N GLU A 212 22.78 -6.81 -21.41
CA GLU A 212 23.36 -7.73 -22.37
C GLU A 212 22.32 -8.67 -22.96
N CYS A 213 21.22 -8.87 -22.24
CA CYS A 213 20.14 -9.74 -22.68
C CYS A 213 19.11 -9.01 -23.54
N ILE A 214 19.17 -7.69 -23.50
CA ILE A 214 18.35 -6.87 -24.37
C ILE A 214 18.81 -7.04 -25.81
N HIS A 215 20.13 -7.00 -26.03
CA HIS A 215 20.70 -7.09 -27.37
C HIS A 215 20.72 -8.48 -27.98
N TYR A 216 21.07 -9.48 -27.17
CA TYR A 216 21.07 -10.89 -27.56
C TYR A 216 20.61 -11.72 -26.38
N ARG A 217 20.28 -12.98 -26.60
CA ARG A 217 20.02 -13.90 -25.48
C ARG A 217 21.33 -14.34 -24.83
N LYS A 218 21.76 -13.59 -23.83
CA LYS A 218 22.97 -13.89 -23.07
C LYS A 218 22.58 -14.13 -21.62
N PHE A 219 21.63 -15.04 -21.43
CA PHE A 219 21.09 -15.32 -20.10
C PHE A 219 22.01 -16.17 -19.22
N THR A 220 22.34 -15.61 -18.06
CA THR A 220 23.20 -16.23 -17.06
C THR A 220 22.70 -15.91 -15.66
N HIS A 221 23.34 -16.50 -14.66
CA HIS A 221 23.07 -16.19 -13.26
C HIS A 221 23.27 -14.70 -12.97
N GLN A 222 24.29 -14.11 -13.58
CA GLN A 222 24.55 -12.67 -13.42
C GLN A 222 23.47 -11.77 -14.05
N SER A 223 22.77 -12.25 -15.08
CA SER A 223 21.64 -11.51 -15.64
C SER A 223 20.46 -11.54 -14.68
N ASP A 224 20.24 -12.70 -14.05
CA ASP A 224 19.24 -12.83 -12.98
C ASP A 224 19.49 -11.88 -11.84
N VAL A 225 20.76 -11.62 -11.56
CA VAL A 225 21.16 -10.71 -10.48
C VAL A 225 20.68 -9.31 -10.76
N TRP A 226 20.83 -8.86 -12.01
CA TRP A 226 20.25 -7.61 -12.45
C TRP A 226 18.77 -7.58 -12.10
N SER A 227 18.03 -8.59 -12.57
CA SER A 227 16.60 -8.74 -12.29
C SER A 227 16.30 -8.75 -10.79
N TYR A 228 17.19 -9.33 -10.00
CA TYR A 228 17.06 -9.30 -8.56
C TYR A 228 17.09 -7.87 -8.04
N GLY A 229 18.04 -7.08 -8.56
CA GLY A 229 18.13 -5.67 -8.23
C GLY A 229 16.83 -4.94 -8.52
N VAL A 230 16.22 -5.22 -9.67
CA VAL A 230 14.98 -4.54 -10.09
C VAL A 230 13.79 -5.00 -9.23
N THR A 231 13.79 -6.28 -8.89
CA THR A 231 12.80 -6.91 -8.02
C THR A 231 12.80 -6.33 -6.61
N ILE A 232 14.00 -6.11 -6.05
CA ILE A 232 14.06 -5.57 -4.70
C ILE A 232 13.75 -4.07 -4.62
N TRP A 233 13.96 -3.37 -5.73
CA TRP A 233 13.54 -1.98 -5.91
C TRP A 233 12.01 -1.87 -5.90
N GLU A 234 11.33 -2.82 -6.55
CA GLU A 234 9.87 -2.91 -6.53
C GLU A 234 9.35 -2.98 -5.10
N LEU A 235 10.06 -3.74 -4.26
CA LEU A 235 9.66 -3.93 -2.86
C LEU A 235 9.88 -2.68 -2.02
N MET A 236 11.05 -2.04 -2.20
CA MET A 236 11.40 -0.82 -1.44
C MET A 236 10.55 0.39 -1.84
N THR A 237 9.92 0.30 -3.00
CA THR A 237 9.00 1.34 -3.46
C THR A 237 7.55 0.88 -3.26
N PHE A 238 7.38 -0.22 -2.52
CA PHE A 238 6.06 -0.79 -2.21
C PHE A 238 5.20 -0.98 -3.47
N GLY A 239 5.78 -1.64 -4.47
CA GLY A 239 5.08 -1.93 -5.72
C GLY A 239 5.29 -0.89 -6.80
N GLY A 240 6.40 -0.15 -6.74
CA GLY A 240 6.68 0.86 -7.75
C GLY A 240 6.91 0.24 -9.13
N LYS A 241 6.58 1.01 -10.17
CA LYS A 241 6.78 0.57 -11.54
C LYS A 241 8.11 1.09 -12.09
N PRO A 242 9.04 0.18 -12.46
CA PRO A 242 10.37 0.53 -12.97
C PRO A 242 10.29 1.43 -14.18
N TYR A 243 11.16 2.44 -14.23
CA TYR A 243 11.18 3.43 -15.32
C TYR A 243 9.74 3.76 -15.76
N ASP A 244 8.95 4.20 -14.79
CA ASP A 244 7.51 4.42 -14.96
C ASP A 244 7.22 5.46 -16.04
N GLY A 245 6.46 5.05 -17.05
CA GLY A 245 6.06 5.94 -18.13
C GLY A 245 6.99 5.90 -19.33
N ILE A 246 8.28 5.71 -19.07
CA ILE A 246 9.30 5.57 -20.11
C ILE A 246 8.99 4.35 -20.98
N PRO A 247 8.77 4.57 -22.30
CA PRO A 247 8.41 3.46 -23.21
C PRO A 247 9.56 2.46 -23.43
N THR A 248 9.22 1.19 -23.57
CA THR A 248 10.21 0.09 -23.58
C THR A 248 11.23 0.15 -24.72
N ARG A 249 10.91 0.90 -25.77
CA ARG A 249 11.80 1.07 -26.92
C ARG A 249 13.05 1.89 -26.55
N GLU A 250 12.87 2.81 -25.60
CA GLU A 250 13.95 3.73 -25.21
C GLU A 250 14.93 3.17 -24.18
N ILE A 251 14.49 2.17 -23.41
CA ILE A 251 15.29 1.57 -22.34
C ILE A 251 16.74 1.21 -22.71
N PRO A 252 16.95 0.42 -23.81
CA PRO A 252 18.32 -0.02 -24.15
C PRO A 252 19.29 1.16 -24.34
N ASP A 253 18.79 2.27 -24.86
CA ASP A 253 19.59 3.48 -25.04
C ASP A 253 19.89 4.15 -23.71
N LEU A 254 18.85 4.30 -22.87
CA LEU A 254 19.00 4.93 -21.55
C LEU A 254 20.00 4.18 -20.67
N LEU A 255 19.86 2.86 -20.60
CA LEU A 255 20.77 2.01 -19.83
C LEU A 255 22.22 2.14 -20.25
N GLU A 256 22.45 2.29 -21.57
CA GLU A 256 23.79 2.42 -22.12
C GLU A 256 24.38 3.80 -21.90
N LYS A 257 23.50 4.78 -21.68
CA LYS A 257 23.92 6.13 -21.32
C LYS A 257 24.10 6.26 -19.80
N GLY A 258 23.84 5.16 -19.08
CA GLY A 258 24.14 5.09 -17.66
C GLY A 258 22.97 5.29 -16.74
N GLU A 259 21.79 5.49 -17.32
CA GLU A 259 20.54 5.63 -16.58
C GLU A 259 20.26 4.40 -15.71
N ARG A 260 19.91 4.61 -14.45
CA ARG A 260 19.50 3.51 -13.55
C ARG A 260 18.30 3.94 -12.75
N LEU A 261 17.66 2.98 -12.08
CA LEU A 261 16.52 3.25 -11.20
C LEU A 261 16.91 4.19 -10.04
N PRO A 262 15.98 5.09 -9.60
CA PRO A 262 16.28 6.07 -8.55
C PRO A 262 16.34 5.47 -7.14
N GLN A 263 16.93 6.22 -6.21
CA GLN A 263 17.03 5.79 -4.83
C GLN A 263 15.67 5.89 -4.16
N PRO A 264 15.11 4.75 -3.74
CA PRO A 264 13.80 4.75 -3.08
C PRO A 264 13.89 5.52 -1.77
N PRO A 265 12.86 6.35 -1.44
CA PRO A 265 12.91 7.24 -0.28
C PRO A 265 13.35 6.56 1.02
N ILE A 266 12.85 5.35 1.26
CA ILE A 266 13.11 4.61 2.50
C ILE A 266 14.51 4.00 2.58
N CYS A 267 15.18 3.95 1.44
CA CYS A 267 16.46 3.27 1.31
C CYS A 267 17.60 4.14 1.79
N THR A 268 18.42 3.57 2.66
CA THR A 268 19.70 4.19 3.01
C THR A 268 20.62 3.96 1.81
N ILE A 269 21.68 4.75 1.72
CA ILE A 269 22.65 4.57 0.65
C ILE A 269 23.25 3.15 0.68
N ASP A 270 23.28 2.56 1.87
CA ASP A 270 23.71 1.17 2.03
C ASP A 270 22.92 0.22 1.16
N VAL A 271 21.59 0.34 1.20
CA VAL A 271 20.72 -0.57 0.46
C VAL A 271 20.74 -0.21 -1.03
N TYR A 272 20.70 1.08 -1.34
CA TYR A 272 20.71 1.53 -2.72
C TYR A 272 21.96 1.08 -3.47
N MET A 273 23.12 1.12 -2.81
CA MET A 273 24.35 0.73 -3.47
C MET A 273 24.38 -0.76 -3.81
N VAL A 274 23.79 -1.58 -2.94
CA VAL A 274 23.60 -2.99 -3.23
C VAL A 274 22.82 -3.14 -4.57
N MET A 275 21.68 -2.45 -4.67
CA MET A 275 20.88 -2.36 -5.89
C MET A 275 21.69 -1.92 -7.09
N VAL A 276 22.38 -0.77 -6.96
CA VAL A 276 23.14 -0.22 -8.07
C VAL A 276 24.20 -1.20 -8.59
N LYS A 277 24.91 -1.87 -7.69
CA LYS A 277 25.91 -2.88 -8.08
C LYS A 277 25.34 -4.05 -8.90
N CYS A 278 24.04 -4.29 -8.77
CA CYS A 278 23.36 -5.34 -9.54
C CYS A 278 23.17 -4.93 -11.00
N TRP A 279 23.36 -3.63 -11.25
CA TRP A 279 23.10 -3.03 -12.55
C TRP A 279 24.40 -2.50 -13.14
N MET A 280 25.51 -3.15 -12.80
CA MET A 280 26.78 -2.82 -13.45
C MET A 280 26.76 -3.34 -14.89
N ILE A 281 27.41 -2.61 -15.78
CA ILE A 281 27.50 -3.02 -17.19
C ILE A 281 28.15 -4.40 -17.27
N ASP A 282 29.31 -4.53 -16.63
CA ASP A 282 30.03 -5.79 -16.52
C ASP A 282 29.26 -6.78 -15.62
N ALA A 283 28.78 -7.86 -16.22
CA ALA A 283 28.02 -8.90 -15.53
C ALA A 283 28.83 -9.59 -14.42
N ASP A 284 30.13 -9.74 -14.64
CA ASP A 284 31.05 -10.31 -13.66
C ASP A 284 31.32 -9.40 -12.44
N SER A 285 31.07 -8.11 -12.61
CA SER A 285 31.23 -7.11 -11.55
C SER A 285 30.06 -7.08 -10.57
N ARG A 286 28.96 -7.72 -10.93
CA ARG A 286 27.76 -7.72 -10.10
C ARG A 286 27.96 -8.61 -8.87
N PRO A 287 27.21 -8.36 -7.78
CA PRO A 287 27.28 -9.30 -6.66
C PRO A 287 26.77 -10.69 -7.07
N LYS A 288 27.38 -11.72 -6.50
CA LYS A 288 26.84 -13.08 -6.58
C LYS A 288 25.68 -13.18 -5.58
N PHE A 289 24.72 -14.06 -5.88
CA PHE A 289 23.61 -14.34 -4.96
C PHE A 289 24.04 -14.70 -3.54
N LYS A 290 25.15 -15.43 -3.41
CA LYS A 290 25.76 -15.69 -2.09
C LYS A 290 26.08 -14.40 -1.31
N GLU A 291 26.63 -13.39 -1.99
CA GLU A 291 26.96 -12.13 -1.35
C GLU A 291 25.70 -11.34 -1.00
N LEU A 292 24.70 -11.41 -1.90
CA LEU A 292 23.45 -10.66 -1.70
C LEU A 292 22.67 -11.15 -0.49
N ALA A 293 22.59 -12.48 -0.33
CA ALA A 293 21.90 -13.06 0.80
C ALA A 293 22.59 -12.74 2.11
N ALA A 294 23.92 -12.80 2.12
CA ALA A 294 24.71 -12.53 3.31
C ALA A 294 24.65 -11.07 3.77
N GLU A 295 24.65 -10.15 2.81
CA GLU A 295 24.62 -8.71 3.10
C GLU A 295 23.24 -8.31 3.65
N PHE A 296 22.16 -8.77 2.99
CA PHE A 296 20.82 -8.47 3.46
C PHE A 296 20.51 -9.20 4.76
N SER A 297 21.13 -10.36 4.95
CA SER A 297 21.12 -11.07 6.23
C SER A 297 21.62 -10.20 7.37
N ARG A 298 22.80 -9.61 7.20
CA ARG A 298 23.35 -8.77 8.29
C ARG A 298 22.58 -7.47 8.46
N MET A 299 22.01 -6.97 7.35
CA MET A 299 21.13 -5.82 7.40
C MET A 299 19.85 -6.14 8.17
N ALA A 300 19.34 -7.36 7.97
CA ALA A 300 18.14 -7.87 8.68
C ALA A 300 18.35 -8.11 10.18
N ARG A 301 19.59 -8.09 10.63
CA ARG A 301 19.92 -8.14 12.06
C ARG A 301 19.77 -6.77 12.71
N ASP A 302 19.80 -5.72 11.90
CA ASP A 302 19.66 -4.35 12.40
C ASP A 302 18.90 -3.51 11.35
N PRO A 303 17.63 -3.87 11.10
CA PRO A 303 16.89 -3.39 9.92
C PRO A 303 16.53 -1.89 9.89
N GLN A 304 16.56 -1.24 11.05
CA GLN A 304 16.23 0.18 11.14
C GLN A 304 17.44 1.06 10.86
N ARG A 305 18.62 0.46 10.88
CA ARG A 305 19.84 1.12 10.44
C ARG A 305 19.92 1.16 8.91
N TYR A 306 19.04 0.43 8.24
CA TYR A 306 19.12 0.28 6.79
C TYR A 306 17.90 0.69 5.96
N LEU A 307 16.72 0.66 6.56
CA LEU A 307 15.50 1.14 5.91
C LEU A 307 14.76 2.06 6.86
N VAL A 308 14.35 3.21 6.34
CA VAL A 308 13.74 4.24 7.17
C VAL A 308 12.28 4.46 6.81
N ILE A 309 11.42 3.75 7.53
CA ILE A 309 9.98 3.74 7.32
C ILE A 309 9.36 4.32 8.59
N GLN A 310 8.47 5.31 8.45
CA GLN A 310 7.90 5.91 9.65
C GLN A 310 6.87 5.00 10.32
N GLY A 311 6.90 4.99 11.65
CA GLY A 311 6.06 4.10 12.46
C GLY A 311 6.75 2.79 12.79
N ASP A 312 7.93 2.57 12.20
CA ASP A 312 8.63 1.30 12.26
C ASP A 312 9.47 1.22 13.56
N ASP A 313 8.77 1.19 14.70
CA ASP A 313 9.44 1.16 16.01
C ASP A 313 9.27 -0.22 16.68
N LEU B 16 25.43 13.22 39.11
CA LEU B 16 25.43 11.87 38.47
C LEU B 16 24.96 11.97 37.02
N VAL B 17 25.15 10.89 36.28
CA VAL B 17 24.62 10.76 34.92
C VAL B 17 23.43 9.79 34.95
N GLU B 18 22.44 10.04 34.10
CA GLU B 18 21.18 9.31 34.09
C GLU B 18 21.34 7.88 33.55
N PRO B 19 20.79 6.88 34.27
CA PRO B 19 20.77 5.46 33.85
C PRO B 19 20.11 5.26 32.49
N LEU B 20 20.88 4.73 31.54
CA LEU B 20 20.49 4.67 30.14
C LEU B 20 19.53 3.54 29.86
N THR B 21 18.48 3.82 29.10
CA THR B 21 17.52 2.80 28.66
C THR B 21 16.95 3.13 27.28
N PRO B 22 17.70 2.79 26.21
CA PRO B 22 17.29 3.20 24.87
C PRO B 22 16.03 2.47 24.37
N SER B 23 15.05 3.23 23.92
CA SER B 23 13.93 2.71 23.18
C SER B 23 14.16 3.11 21.73
N GLY B 24 14.04 2.13 20.82
CA GLY B 24 14.41 2.35 19.43
C GLY B 24 13.52 3.28 18.63
N THR B 25 12.67 4.04 19.32
CA THR B 25 11.81 5.04 18.68
C THR B 25 12.68 6.16 18.11
N ALA B 26 12.46 6.44 16.81
CA ALA B 26 13.22 7.44 16.08
C ALA B 26 12.91 8.86 16.58
N PRO B 27 13.90 9.76 16.54
CA PRO B 27 13.69 11.15 16.93
C PRO B 27 12.60 11.85 16.13
N ASN B 28 11.81 12.68 16.80
CA ASN B 28 10.83 13.52 16.14
C ASN B 28 11.47 14.86 15.76
N GLN B 29 11.90 14.95 14.50
CA GLN B 29 12.62 16.13 14.02
C GLN B 29 11.71 17.12 13.30
N ALA B 30 10.41 17.00 13.53
CA ALA B 30 9.45 17.97 13.00
C ALA B 30 9.89 19.37 13.38
N GLN B 31 9.75 20.31 12.45
CA GLN B 31 10.03 21.71 12.73
C GLN B 31 8.78 22.45 13.20
N LEU B 32 8.92 23.29 14.22
CA LEU B 32 7.86 24.23 14.56
C LEU B 32 8.42 25.63 14.58
N ARG B 33 7.83 26.50 13.78
CA ARG B 33 8.27 27.87 13.71
C ARG B 33 7.38 28.73 14.58
N ILE B 34 8.01 29.50 15.47
CA ILE B 34 7.32 30.55 16.22
C ILE B 34 7.41 31.84 15.41
N LEU B 35 6.27 32.30 14.91
CA LEU B 35 6.23 33.40 13.97
C LEU B 35 5.94 34.71 14.68
N LYS B 36 6.62 35.77 14.25
CA LYS B 36 6.30 37.12 14.71
C LYS B 36 4.93 37.51 14.15
N GLU B 37 4.18 38.24 14.97
CA GLU B 37 2.84 38.75 14.65
C GLU B 37 2.81 39.50 13.31
N THR B 38 3.94 40.11 12.98
CA THR B 38 4.08 40.97 11.80
C THR B 38 4.48 40.19 10.54
N GLU B 39 4.78 38.90 10.70
CA GLU B 39 5.06 38.04 9.55
C GLU B 39 3.78 37.63 8.85
N LEU B 40 2.63 37.89 9.50
CA LEU B 40 1.33 37.41 9.03
C LEU B 40 0.36 38.53 8.72
N LYS B 41 -0.35 38.37 7.60
CA LYS B 41 -1.33 39.34 7.15
C LYS B 41 -2.63 38.61 6.83
N ARG B 42 -3.74 39.09 7.37
CA ARG B 42 -5.06 38.54 7.06
C ARG B 42 -5.66 39.18 5.81
N VAL B 43 -6.53 38.46 5.12
CA VAL B 43 -7.17 38.93 3.88
C VAL B 43 -8.69 38.93 4.02
N LYS B 44 -9.25 37.76 4.36
CA LYS B 44 -10.68 37.60 4.58
C LYS B 44 -10.88 36.48 5.61
N VAL B 45 -12.14 36.22 5.95
CA VAL B 45 -12.51 35.13 6.86
C VAL B 45 -12.96 33.95 6.02
N LEU B 46 -12.33 32.79 6.25
CA LEU B 46 -12.72 31.56 5.57
C LEU B 46 -13.89 30.86 6.25
N GLY B 47 -14.13 31.23 7.50
CA GLY B 47 -15.18 30.65 8.32
C GLY B 47 -14.87 30.83 9.80
N SER B 48 -15.88 30.63 10.64
CA SER B 48 -15.73 30.73 12.09
C SER B 48 -16.70 29.79 12.80
N GLY B 49 -16.52 29.62 14.11
CA GLY B 49 -17.39 28.75 14.89
C GLY B 49 -16.80 28.30 16.22
N ALA B 50 -17.34 27.21 16.75
CA ALA B 50 -16.99 26.67 18.07
C ALA B 50 -15.48 26.47 18.27
N PHE B 51 -14.75 26.33 17.17
CA PHE B 51 -13.34 25.96 17.23
C PHE B 51 -12.39 27.13 17.00
N GLY B 52 -12.93 28.23 16.48
CA GLY B 52 -12.17 29.46 16.27
C GLY B 52 -12.50 30.08 14.91
N THR B 53 -11.86 31.20 14.62
CA THR B 53 -12.03 31.85 13.32
C THR B 53 -10.85 31.54 12.42
N VAL B 54 -11.15 31.11 11.19
CA VAL B 54 -10.14 30.80 10.20
C VAL B 54 -10.08 31.93 9.18
N TYR B 55 -8.88 32.50 8.99
CA TYR B 55 -8.65 33.58 8.04
C TYR B 55 -7.80 33.12 6.87
N LYS B 56 -8.18 33.55 5.67
CA LYS B 56 -7.27 33.47 4.54
C LYS B 56 -6.19 34.52 4.81
N GLY B 57 -4.93 34.12 4.65
CA GLY B 57 -3.83 34.99 5.01
C GLY B 57 -2.58 34.82 4.17
N ILE B 58 -1.63 35.73 4.39
CA ILE B 58 -0.32 35.67 3.75
C ILE B 58 0.77 35.66 4.82
N TRP B 59 1.69 34.72 4.68
CA TRP B 59 2.85 34.63 5.57
C TRP B 59 4.11 35.01 4.82
N VAL B 60 4.77 36.07 5.32
CA VAL B 60 6.07 36.47 4.84
C VAL B 60 7.11 36.08 5.89
N PRO B 61 7.82 34.95 5.67
CA PRO B 61 8.88 34.48 6.58
C PRO B 61 9.90 35.56 6.95
N GLU B 62 10.55 35.40 8.10
CA GLU B 62 11.46 36.43 8.64
C GLU B 62 12.71 36.63 7.76
N GLY B 63 12.73 37.75 7.04
CA GLY B 63 13.86 38.09 6.19
C GLY B 63 13.73 37.59 4.76
N GLU B 64 12.52 37.18 4.38
CA GLU B 64 12.25 36.71 3.02
C GLU B 64 11.17 37.56 2.36
N THR B 65 11.21 37.62 1.03
CA THR B 65 10.19 38.31 0.24
C THR B 65 9.32 37.28 -0.50
N VAL B 66 8.99 36.19 0.18
CA VAL B 66 8.09 35.17 -0.39
C VAL B 66 6.72 35.24 0.29
N LYS B 67 5.69 35.54 -0.51
CA LYS B 67 4.35 35.77 0.02
C LYS B 67 3.52 34.48 0.05
N ILE B 68 3.80 33.63 1.04
CA ILE B 68 3.14 32.30 1.18
C ILE B 68 1.64 32.38 1.53
N PRO B 69 0.77 31.78 0.70
CA PRO B 69 -0.65 31.65 1.06
C PRO B 69 -0.89 30.66 2.21
N VAL B 70 -1.50 31.17 3.28
CA VAL B 70 -1.75 30.37 4.48
C VAL B 70 -3.19 30.52 4.98
N ALA B 71 -3.56 29.62 5.89
CA ALA B 71 -4.75 29.82 6.70
C ALA B 71 -4.28 30.07 8.11
N ILE B 72 -4.93 31.01 8.79
CA ILE B 72 -4.61 31.35 10.19
C ILE B 72 -5.84 31.06 11.03
N LYS B 73 -5.67 30.31 12.11
CA LYS B 73 -6.77 30.03 13.01
C LYS B 73 -6.47 30.64 14.37
N ILE B 74 -7.39 31.49 14.82
CA ILE B 74 -7.31 32.11 16.14
C ILE B 74 -8.37 31.46 17.02
N LEU B 75 -7.97 31.02 18.21
CA LEU B 75 -8.86 30.30 19.10
C LEU B 75 -9.74 31.24 19.93
N ALA B 83 -3.39 25.83 31.00
CA ALA B 83 -4.05 25.71 29.71
C ALA B 83 -3.07 25.79 28.53
N ASN B 84 -2.27 26.86 28.49
CA ASN B 84 -1.26 27.05 27.43
C ASN B 84 -0.14 26.02 27.46
N VAL B 85 -0.03 25.31 28.59
CA VAL B 85 0.84 24.14 28.73
C VAL B 85 0.34 23.03 27.79
N GLU B 86 -0.95 22.73 27.91
CA GLU B 86 -1.62 21.73 27.09
C GLU B 86 -1.62 22.13 25.61
N PHE B 87 -1.54 23.43 25.35
CA PHE B 87 -1.52 23.92 23.98
C PHE B 87 -0.22 23.61 23.25
N MET B 88 0.91 23.96 23.86
CA MET B 88 2.20 23.71 23.24
C MET B 88 2.40 22.21 23.00
N ASP B 89 1.83 21.37 23.87
CA ASP B 89 1.82 19.92 23.69
C ASP B 89 1.01 19.49 22.47
N GLU B 90 -0.18 20.07 22.30
CA GLU B 90 -1.04 19.74 21.17
C GLU B 90 -0.45 20.22 19.86
N ALA B 91 0.13 21.43 19.89
CA ALA B 91 0.83 22.01 18.75
C ALA B 91 2.02 21.18 18.29
N LEU B 92 2.64 20.44 19.20
CA LEU B 92 3.73 19.53 18.87
C LEU B 92 3.20 18.37 17.99
N ILE B 93 2.08 17.80 18.41
CA ILE B 93 1.44 16.71 17.65
C ILE B 93 0.96 17.19 16.28
N MET B 94 0.29 18.34 16.24
CA MET B 94 -0.19 18.91 14.99
C MET B 94 0.93 19.15 13.98
N ALA B 95 2.12 19.50 14.47
CA ALA B 95 3.27 19.78 13.62
C ALA B 95 4.06 18.54 13.18
N SER B 96 3.84 17.43 13.86
CA SER B 96 4.62 16.22 13.64
C SER B 96 3.96 15.30 12.61
N MET B 97 2.78 15.69 12.15
CA MET B 97 2.04 14.91 11.16
C MET B 97 2.67 14.98 9.76
N ASP B 98 3.16 13.83 9.29
CA ASP B 98 3.77 13.72 7.98
C ASP B 98 3.06 12.64 7.17
N HIS B 99 1.87 12.98 6.68
CA HIS B 99 1.08 12.11 5.81
C HIS B 99 0.44 12.95 4.70
N PRO B 100 0.37 12.40 3.46
CA PRO B 100 -0.20 13.16 2.34
C PRO B 100 -1.67 13.60 2.55
N HIS B 101 -2.40 12.92 3.43
CA HIS B 101 -3.83 13.23 3.59
C HIS B 101 -4.20 13.78 4.97
N LEU B 102 -3.19 14.31 5.64
CA LEU B 102 -3.37 15.09 6.85
C LEU B 102 -2.59 16.38 6.69
N VAL B 103 -3.18 17.48 7.14
CA VAL B 103 -2.46 18.75 7.16
C VAL B 103 -1.32 18.74 8.20
N ARG B 104 -0.35 19.61 7.98
CA ARG B 104 0.73 19.86 8.93
C ARG B 104 0.73 21.34 9.31
N LEU B 105 0.84 21.60 10.62
CA LEU B 105 0.96 22.96 11.12
C LEU B 105 2.35 23.51 10.79
N LEU B 106 2.39 24.64 10.08
CA LEU B 106 3.65 25.29 9.71
C LEU B 106 4.24 26.07 10.87
N GLY B 107 3.43 26.94 11.47
CA GLY B 107 3.88 27.78 12.55
C GLY B 107 2.89 28.07 13.66
N VAL B 108 3.41 28.65 14.75
CA VAL B 108 2.60 29.16 15.83
C VAL B 108 2.99 30.62 16.08
N CYS B 109 1.99 31.50 16.14
CA CYS B 109 2.21 32.85 16.61
C CYS B 109 1.60 32.99 18.01
N LEU B 110 2.40 33.46 18.95
CA LEU B 110 2.00 33.52 20.36
C LEU B 110 1.30 34.82 20.74
N SER B 111 1.27 35.79 19.83
CA SER B 111 0.82 37.15 20.11
C SER B 111 -0.18 37.65 19.07
N PRO B 112 -1.19 38.43 19.50
CA PRO B 112 -1.54 38.79 20.90
C PRO B 112 -2.01 37.57 21.69
N THR B 113 -2.85 36.74 21.06
CA THR B 113 -3.18 35.42 21.58
C THR B 113 -2.63 34.41 20.58
N ILE B 114 -2.75 33.13 20.92
CA ILE B 114 -2.16 32.09 20.09
C ILE B 114 -2.84 31.92 18.74
N GLN B 115 -2.03 31.97 17.69
CA GLN B 115 -2.50 31.83 16.32
C GLN B 115 -1.87 30.60 15.69
N LEU B 116 -2.71 29.76 15.11
CA LEU B 116 -2.28 28.56 14.41
C LEU B 116 -2.17 28.86 12.92
N VAL B 117 -1.02 28.53 12.33
CA VAL B 117 -0.74 28.82 10.93
C VAL B 117 -0.40 27.57 10.13
N THR B 118 -1.15 27.35 9.06
CA THR B 118 -0.95 26.23 8.17
C THR B 118 -1.00 26.69 6.72
N GLN B 119 -0.46 25.87 5.82
CA GLN B 119 -0.55 26.12 4.39
C GLN B 119 -2.01 26.18 3.99
N LEU B 120 -2.37 27.15 3.15
CA LEU B 120 -3.71 27.25 2.61
C LEU B 120 -3.92 26.17 1.57
N MET B 121 -5.12 25.55 1.61
CA MET B 121 -5.55 24.63 0.58
C MET B 121 -6.36 25.41 -0.46
N PRO B 122 -5.83 25.53 -1.69
CA PRO B 122 -6.38 26.40 -2.74
C PRO B 122 -7.80 26.06 -3.18
N HIS B 123 -8.18 24.78 -3.07
CA HIS B 123 -9.50 24.36 -3.52
C HIS B 123 -10.54 24.31 -2.40
N GLY B 124 -10.15 24.74 -1.20
CA GLY B 124 -11.08 24.94 -0.10
C GLY B 124 -11.48 23.68 0.65
N CYS B 125 -12.68 23.71 1.24
CA CYS B 125 -13.19 22.61 2.03
C CYS B 125 -13.98 21.65 1.15
N LEU B 126 -13.93 20.36 1.47
CA LEU B 126 -14.55 19.33 0.64
C LEU B 126 -16.08 19.41 0.57
N LEU B 127 -16.72 19.68 1.70
CA LEU B 127 -18.18 19.83 1.76
C LEU B 127 -18.72 20.84 0.75
N GLU B 128 -18.09 22.01 0.67
CA GLU B 128 -18.46 23.03 -0.31
C GLU B 128 -18.04 22.65 -1.73
N TYR B 129 -16.91 21.96 -1.86
CA TYR B 129 -16.38 21.54 -3.15
C TYR B 129 -17.28 20.53 -3.88
N VAL B 130 -17.82 19.55 -3.14
CA VAL B 130 -18.75 18.56 -3.71
C VAL B 130 -20.13 19.11 -4.07
N HIS B 131 -20.60 20.11 -3.33
CA HIS B 131 -21.89 20.75 -3.61
C HIS B 131 -21.79 21.69 -4.81
N GLU B 132 -20.64 22.33 -4.97
CA GLU B 132 -20.41 23.25 -6.08
C GLU B 132 -20.08 22.53 -7.38
N HIS B 133 -19.29 21.45 -7.29
CA HIS B 133 -18.86 20.68 -8.46
C HIS B 133 -19.65 19.38 -8.66
N LYS B 134 -20.85 19.35 -8.05
CA LYS B 134 -21.73 18.19 -8.08
CA LYS B 134 -21.78 18.22 -8.09
C LYS B 134 -21.79 17.51 -9.44
N ASP B 135 -22.12 18.26 -10.47
CA ASP B 135 -22.32 17.71 -11.81
C ASP B 135 -21.03 17.31 -12.53
N ASN B 136 -19.89 17.57 -11.90
CA ASN B 136 -18.58 17.19 -12.45
C ASN B 136 -17.84 16.13 -11.62
N ILE B 137 -18.52 15.59 -10.61
CA ILE B 137 -17.92 14.56 -9.74
C ILE B 137 -18.36 13.15 -10.17
N GLY B 138 -17.37 12.28 -10.38
CA GLY B 138 -17.63 10.88 -10.73
C GLY B 138 -17.30 9.90 -9.61
N SER B 139 -17.65 8.64 -9.86
CA SER B 139 -17.42 7.54 -8.92
C SER B 139 -15.94 7.32 -8.59
N GLN B 140 -15.06 7.53 -9.58
CA GLN B 140 -13.63 7.35 -9.35
C GLN B 140 -13.14 8.36 -8.31
N LEU B 141 -13.54 9.61 -8.48
CA LEU B 141 -13.16 10.70 -7.57
C LEU B 141 -13.68 10.45 -6.14
N LEU B 142 -14.98 10.19 -6.02
CA LEU B 142 -15.62 9.98 -4.72
C LEU B 142 -15.05 8.81 -3.93
N LEU B 143 -14.81 7.67 -4.58
CA LEU B 143 -14.26 6.47 -3.92
C LEU B 143 -12.80 6.62 -3.50
N ASN B 144 -12.03 7.38 -4.28
CA ASN B 144 -10.65 7.70 -3.92
C ASN B 144 -10.53 8.66 -2.73
N TRP B 145 -11.50 9.57 -2.59
CA TRP B 145 -11.55 10.43 -1.41
C TRP B 145 -11.83 9.59 -0.17
N CYS B 146 -12.74 8.63 -0.30
CA CYS B 146 -13.02 7.70 0.77
C CYS B 146 -11.74 7.04 1.23
N VAL B 147 -10.89 6.65 0.29
CA VAL B 147 -9.62 5.97 0.56
C VAL B 147 -8.64 6.89 1.28
N GLN B 148 -8.48 8.09 0.71
CA GLN B 148 -7.56 9.11 1.22
C GLN B 148 -7.92 9.58 2.63
N ILE B 149 -9.20 9.82 2.86
CA ILE B 149 -9.69 10.15 4.19
C ILE B 149 -9.38 9.01 5.16
N ALA B 150 -9.75 7.79 4.79
CA ALA B 150 -9.49 6.62 5.63
C ALA B 150 -8.00 6.37 5.90
N LYS B 151 -7.15 6.60 4.90
CA LYS B 151 -5.69 6.50 5.10
C LYS B 151 -5.12 7.49 6.11
N GLY B 152 -5.55 8.75 6.04
CA GLY B 152 -5.16 9.76 7.02
C GLY B 152 -5.59 9.37 8.43
N MET B 153 -6.82 8.90 8.55
CA MET B 153 -7.35 8.42 9.82
C MET B 153 -6.51 7.27 10.35
N MET B 154 -6.16 6.35 9.44
CA MET B 154 -5.24 5.26 9.73
C MET B 154 -3.90 5.76 10.31
N TYR B 155 -3.34 6.81 9.71
CA TYR B 155 -2.09 7.42 10.18
C TYR B 155 -2.19 8.02 11.59
N LEU B 156 -3.34 8.64 11.88
CA LEU B 156 -3.62 9.15 13.23
C LEU B 156 -3.77 8.01 14.24
N GLU B 157 -4.55 6.99 13.88
CA GLU B 157 -4.84 5.86 14.78
C GLU B 157 -3.54 5.17 15.21
N GLU B 158 -2.64 4.99 14.25
CA GLU B 158 -1.25 4.57 14.42
C GLU B 158 -0.55 5.36 15.54
N ARG B 159 -0.76 6.68 15.56
CA ARG B 159 -0.13 7.58 16.55
C ARG B 159 -0.89 7.65 17.88
N ARG B 160 -1.90 6.79 18.02
CA ARG B 160 -2.91 6.82 19.10
C ARG B 160 -3.63 8.16 19.28
N LEU B 161 -4.01 8.76 18.15
CA LEU B 161 -4.69 10.04 18.14
C LEU B 161 -6.11 9.91 17.64
N VAL B 162 -7.03 10.49 18.40
CA VAL B 162 -8.45 10.53 18.05
C VAL B 162 -8.76 11.95 17.56
N HIS B 163 -9.55 12.06 16.49
CA HIS B 163 -9.92 13.33 15.90
C HIS B 163 -11.05 13.99 16.69
N ARG B 164 -12.12 13.25 16.90
CA ARG B 164 -13.31 13.67 17.66
C ARG B 164 -14.32 14.49 16.84
N ASP B 165 -13.85 15.06 15.72
CA ASP B 165 -14.65 15.97 14.91
C ASP B 165 -14.42 15.75 13.41
N LEU B 166 -14.30 14.49 13.01
CA LEU B 166 -14.19 14.15 11.62
C LEU B 166 -15.53 14.45 10.94
N ALA B 167 -15.46 15.26 9.88
CA ALA B 167 -16.63 15.65 9.10
C ALA B 167 -16.12 16.15 7.75
N ALA B 168 -16.97 16.13 6.72
CA ALA B 168 -16.57 16.62 5.41
C ALA B 168 -16.15 18.08 5.48
N ARG B 169 -16.76 18.81 6.42
CA ARG B 169 -16.41 20.21 6.72
C ARG B 169 -14.95 20.36 7.10
N ASN B 170 -14.38 19.32 7.71
CA ASN B 170 -12.97 19.31 8.12
C ASN B 170 -12.05 18.50 7.19
N VAL B 171 -12.49 18.31 5.95
CA VAL B 171 -11.63 17.75 4.92
C VAL B 171 -11.44 18.86 3.89
N LEU B 172 -10.18 19.12 3.56
CA LEU B 172 -9.79 20.18 2.62
C LEU B 172 -9.29 19.59 1.29
N VAL B 173 -9.44 20.37 0.22
CA VAL B 173 -9.02 19.97 -1.12
C VAL B 173 -7.76 20.75 -1.52
N LYS B 174 -6.65 20.03 -1.69
CA LYS B 174 -5.40 20.60 -2.19
C LYS B 174 -5.47 20.68 -3.71
N SER B 175 -5.92 19.60 -4.33
CA SER B 175 -6.29 19.53 -5.74
C SER B 175 -7.39 18.47 -5.84
N PRO B 176 -8.26 18.54 -6.88
CA PRO B 176 -9.39 17.60 -7.00
C PRO B 176 -9.07 16.15 -6.60
N ASN B 177 -7.86 15.70 -6.92
CA ASN B 177 -7.41 14.33 -6.72
C ASN B 177 -6.83 14.06 -5.33
N HIS B 178 -6.74 15.12 -4.53
CA HIS B 178 -5.95 15.08 -3.32
C HIS B 178 -6.59 15.87 -2.18
N VAL B 179 -7.18 15.14 -1.25
CA VAL B 179 -7.75 15.77 -0.05
C VAL B 179 -6.85 15.53 1.15
N LYS B 180 -7.03 16.34 2.19
CA LYS B 180 -6.31 16.25 3.46
C LYS B 180 -7.27 16.54 4.60
N ILE B 181 -7.15 15.78 5.69
CA ILE B 181 -7.93 16.03 6.90
C ILE B 181 -7.29 17.15 7.73
N THR B 182 -8.13 17.98 8.33
CA THR B 182 -7.64 19.06 9.18
C THR B 182 -8.35 19.06 10.54
N ASP B 183 -7.87 19.92 11.44
CA ASP B 183 -8.53 20.22 12.71
C ASP B 183 -8.47 19.13 13.80
N PHE B 184 -7.62 18.12 13.59
CA PHE B 184 -7.46 17.07 14.60
C PHE B 184 -6.74 17.60 15.84
N GLY B 185 -7.14 17.11 17.00
CA GLY B 185 -6.53 17.51 18.26
C GLY B 185 -7.23 18.65 18.96
N LEU B 186 -7.73 19.61 18.19
CA LEU B 186 -8.36 20.82 18.72
C LEU B 186 -9.56 20.58 19.63
N ALA B 187 -10.35 19.56 19.34
CA ALA B 187 -11.54 19.24 20.12
C ALA B 187 -11.22 18.87 21.57
N ARG B 188 -10.25 17.97 21.76
CA ARG B 188 -9.82 17.55 23.09
C ARG B 188 -9.23 18.73 23.86
N LEU B 189 -8.50 19.57 23.13
CA LEU B 189 -7.83 20.73 23.74
C LEU B 189 -8.84 21.76 24.29
N LEU B 190 -9.96 21.90 23.59
CA LEU B 190 -11.01 22.85 24.01
C LEU B 190 -12.00 22.23 25.01
N GLU B 191 -12.31 20.95 24.84
CA GLU B 191 -13.28 20.26 25.71
C GLU B 191 -12.67 19.61 26.95
N GLY B 192 -11.63 18.80 26.75
CA GLY B 192 -11.09 17.96 27.81
C GLY B 192 -11.53 16.51 27.67
N ASP B 193 -11.15 15.69 28.65
CA ASP B 193 -11.44 14.26 28.66
C ASP B 193 -12.53 13.86 29.66
N GLU B 194 -13.13 14.85 30.33
CA GLU B 194 -14.15 14.62 31.35
C GLU B 194 -15.30 13.77 30.82
N LYS B 195 -15.60 12.68 31.53
CA LYS B 195 -16.56 11.69 31.07
C LYS B 195 -17.98 12.25 30.96
N GLU B 196 -18.35 13.10 31.90
CA GLU B 196 -19.72 13.58 32.02
C GLU B 196 -19.83 14.99 31.44
N TYR B 197 -20.75 15.14 30.49
CA TYR B 197 -21.10 16.47 29.99
C TYR B 197 -21.81 17.29 31.05
N ASN B 198 -21.46 18.57 31.16
CA ASN B 198 -22.30 19.48 31.91
C ASN B 198 -23.34 20.14 30.98
N ALA B 199 -24.09 21.11 31.50
CA ALA B 199 -25.20 21.72 30.75
C ALA B 199 -24.77 22.40 29.44
N ASP B 200 -23.46 22.63 29.35
CA ASP B 200 -22.83 23.23 28.18
C ASP B 200 -22.78 22.24 27.03
N GLY B 201 -22.60 20.96 27.36
CA GLY B 201 -22.57 19.89 26.36
C GLY B 201 -21.27 19.84 25.58
N GLY B 202 -21.31 19.10 24.47
CA GLY B 202 -20.19 19.00 23.54
C GLY B 202 -20.00 20.21 22.64
N LYS B 203 -18.84 20.28 21.98
CA LYS B 203 -18.62 21.30 20.97
C LYS B 203 -18.83 20.73 19.57
N MET B 204 -18.66 19.42 19.43
CA MET B 204 -18.87 18.76 18.15
C MET B 204 -20.35 18.57 17.84
N PRO B 205 -20.71 18.66 16.54
CA PRO B 205 -22.10 18.46 16.15
C PRO B 205 -22.56 17.03 16.42
N ILE B 206 -23.68 16.88 17.13
CA ILE B 206 -24.23 15.58 17.53
C ILE B 206 -24.39 14.59 16.36
N LYS B 207 -24.69 15.10 15.17
CA LYS B 207 -25.10 14.26 14.05
C LYS B 207 -23.95 13.51 13.37
N TRP B 208 -22.72 13.88 13.71
CA TRP B 208 -21.53 13.17 13.26
C TRP B 208 -21.01 12.29 14.38
N MET B 209 -21.65 12.37 15.54
CA MET B 209 -21.13 11.79 16.77
C MET B 209 -21.56 10.35 16.92
N ALA B 210 -20.62 9.49 17.29
CA ALA B 210 -20.93 8.09 17.66
C ALA B 210 -21.88 8.04 18.84
N LEU B 211 -22.77 7.06 18.83
CA LEU B 211 -23.82 6.92 19.85
C LEU B 211 -23.30 6.98 21.28
N GLU B 212 -22.21 6.26 21.55
CA GLU B 212 -21.65 6.19 22.90
C GLU B 212 -21.13 7.55 23.38
N CYS B 213 -20.64 8.36 22.45
CA CYS B 213 -20.07 9.66 22.76
C CYS B 213 -21.13 10.74 22.99
N ILE B 214 -22.37 10.41 22.62
CA ILE B 214 -23.48 11.30 22.91
C ILE B 214 -23.74 11.35 24.42
N HIS B 215 -23.75 10.19 25.06
CA HIS B 215 -24.06 10.10 26.49
C HIS B 215 -22.88 10.49 27.39
N TYR B 216 -21.68 10.08 27.00
CA TYR B 216 -20.46 10.40 27.74
C TYR B 216 -19.33 10.64 26.76
N ARG B 217 -18.23 11.23 27.22
CA ARG B 217 -17.04 11.34 26.39
C ARG B 217 -16.28 10.02 26.40
N LYS B 218 -16.54 9.21 25.38
CA LYS B 218 -15.88 7.91 25.21
C LYS B 218 -15.19 7.91 23.86
N PHE B 219 -14.45 8.98 23.59
CA PHE B 219 -13.84 9.19 22.28
C PHE B 219 -12.66 8.25 22.03
N THR B 220 -12.80 7.46 20.97
CA THR B 220 -11.83 6.47 20.56
C THR B 220 -11.79 6.43 19.04
N HIS B 221 -10.81 5.75 18.50
CA HIS B 221 -10.72 5.49 17.06
C HIS B 221 -12.02 4.92 16.47
N GLN B 222 -12.68 4.04 17.21
CA GLN B 222 -13.93 3.47 16.74
C GLN B 222 -15.10 4.47 16.69
N SER B 223 -15.08 5.50 17.54
CA SER B 223 -16.07 6.57 17.43
C SER B 223 -15.77 7.51 16.27
N ASP B 224 -14.50 7.53 15.83
CA ASP B 224 -14.10 8.24 14.63
C ASP B 224 -14.57 7.51 13.38
N VAL B 225 -14.79 6.21 13.50
CA VAL B 225 -15.22 5.39 12.39
C VAL B 225 -16.67 5.68 12.09
N TRP B 226 -17.48 5.81 13.15
CA TRP B 226 -18.82 6.30 13.02
C TRP B 226 -18.81 7.58 12.19
N SER B 227 -18.04 8.58 12.64
CA SER B 227 -17.96 9.90 12.00
C SER B 227 -17.50 9.80 10.55
N TYR B 228 -16.60 8.87 10.27
CA TYR B 228 -16.17 8.55 8.91
C TYR B 228 -17.36 8.14 8.05
N GLY B 229 -18.22 7.27 8.57
CA GLY B 229 -19.45 6.86 7.88
C GLY B 229 -20.33 8.05 7.53
N VAL B 230 -20.54 8.94 8.50
CA VAL B 230 -21.39 10.13 8.30
C VAL B 230 -20.76 11.02 7.23
N THR B 231 -19.43 11.12 7.25
CA THR B 231 -18.62 11.90 6.33
C THR B 231 -18.67 11.39 4.89
N ILE B 232 -18.51 10.08 4.71
CA ILE B 232 -18.58 9.53 3.36
C ILE B 232 -20.02 9.61 2.81
N TRP B 233 -21.01 9.54 3.71
CA TRP B 233 -22.42 9.77 3.36
C TRP B 233 -22.61 11.19 2.83
N GLU B 234 -22.02 12.18 3.52
CA GLU B 234 -22.02 13.56 3.07
C GLU B 234 -21.56 13.69 1.63
N LEU B 235 -20.50 12.96 1.29
CA LEU B 235 -19.90 13.00 -0.05
C LEU B 235 -20.76 12.33 -1.09
N MET B 236 -21.31 11.15 -0.77
CA MET B 236 -22.18 10.42 -1.69
C MET B 236 -23.48 11.15 -2.01
N THR B 237 -23.93 12.00 -1.09
CA THR B 237 -25.12 12.83 -1.31
C THR B 237 -24.74 14.21 -1.87
N PHE B 238 -23.46 14.34 -2.28
CA PHE B 238 -22.89 15.59 -2.81
C PHE B 238 -23.18 16.77 -1.86
N GLY B 239 -22.72 16.63 -0.62
CA GLY B 239 -22.90 17.65 0.39
C GLY B 239 -24.29 17.68 1.01
N GLY B 240 -24.89 16.50 1.23
CA GLY B 240 -26.17 16.42 1.93
C GLY B 240 -26.01 16.65 3.42
N LYS B 241 -27.05 17.20 4.05
CA LYS B 241 -27.04 17.43 5.48
C LYS B 241 -27.65 16.22 6.21
N PRO B 242 -26.86 15.58 7.11
CA PRO B 242 -27.29 14.41 7.89
C PRO B 242 -28.53 14.71 8.75
N TYR B 243 -29.44 13.74 8.85
CA TYR B 243 -30.68 13.89 9.61
C TYR B 243 -31.24 15.31 9.49
N ASP B 244 -31.46 15.73 8.24
CA ASP B 244 -31.79 17.11 7.90
C ASP B 244 -33.12 17.52 8.52
N GLY B 245 -33.11 18.67 9.20
CA GLY B 245 -34.33 19.23 9.80
C GLY B 245 -34.64 18.69 11.18
N ILE B 246 -34.30 17.41 11.42
CA ILE B 246 -34.50 16.76 12.70
C ILE B 246 -33.72 17.49 13.80
N PRO B 247 -34.40 17.90 14.89
CA PRO B 247 -33.72 18.59 16.00
C PRO B 247 -32.64 17.73 16.67
N THR B 248 -31.52 18.37 17.05
CA THR B 248 -30.39 17.65 17.67
C THR B 248 -30.71 16.96 19.01
N ARG B 249 -31.80 17.38 19.65
CA ARG B 249 -32.25 16.80 20.92
C ARG B 249 -32.84 15.40 20.68
N GLU B 250 -33.52 15.24 19.54
CA GLU B 250 -34.20 13.99 19.19
C GLU B 250 -33.25 12.86 18.77
N ILE B 251 -32.05 13.23 18.29
CA ILE B 251 -31.07 12.29 17.74
C ILE B 251 -30.68 11.10 18.65
N PRO B 252 -30.22 11.37 19.89
CA PRO B 252 -29.86 10.26 20.78
C PRO B 252 -30.93 9.18 20.84
N ASP B 253 -32.19 9.60 20.93
CA ASP B 253 -33.34 8.70 20.95
C ASP B 253 -33.51 7.93 19.64
N LEU B 254 -33.43 8.62 18.50
CA LEU B 254 -33.58 7.99 17.17
C LEU B 254 -32.55 6.89 16.94
N LEU B 255 -31.30 7.18 17.28
CA LEU B 255 -30.19 6.24 17.09
C LEU B 255 -30.36 4.95 17.87
N GLU B 256 -30.92 5.07 19.08
CA GLU B 256 -31.17 3.92 19.95
C GLU B 256 -32.36 3.12 19.48
N LYS B 257 -33.31 3.79 18.83
CA LYS B 257 -34.45 3.11 18.22
C LYS B 257 -34.03 2.41 16.91
N GLY B 258 -32.88 2.78 16.36
CA GLY B 258 -32.31 2.08 15.20
C GLY B 258 -32.20 2.91 13.94
N GLU B 259 -32.67 4.14 14.00
CA GLU B 259 -32.57 5.09 12.90
C GLU B 259 -31.13 5.24 12.39
N ARG B 260 -30.95 5.18 11.08
CA ARG B 260 -29.66 5.46 10.45
C ARG B 260 -29.86 6.33 9.23
N LEU B 261 -28.77 6.89 8.70
CA LEU B 261 -28.82 7.68 7.47
C LEU B 261 -29.29 6.81 6.28
N PRO B 262 -30.14 7.37 5.37
CA PRO B 262 -30.67 6.60 4.24
C PRO B 262 -29.62 6.28 3.18
N GLN B 263 -29.92 5.30 2.32
CA GLN B 263 -29.04 4.91 1.21
C GLN B 263 -29.04 6.00 0.15
N PRO B 264 -27.87 6.64 -0.09
CA PRO B 264 -27.81 7.64 -1.16
C PRO B 264 -28.13 7.02 -2.53
N PRO B 265 -28.88 7.73 -3.39
CA PRO B 265 -29.36 7.18 -4.66
C PRO B 265 -28.26 6.55 -5.51
N ILE B 266 -27.06 7.11 -5.45
CA ILE B 266 -25.93 6.66 -6.26
C ILE B 266 -25.21 5.45 -5.68
N CYS B 267 -25.50 5.15 -4.41
CA CYS B 267 -24.79 4.10 -3.70
C CYS B 267 -25.36 2.75 -3.98
N THR B 268 -24.48 1.81 -4.31
CA THR B 268 -24.85 0.41 -4.39
C THR B 268 -24.96 -0.11 -2.96
N ILE B 269 -25.77 -1.15 -2.75
CA ILE B 269 -25.87 -1.78 -1.45
C ILE B 269 -24.46 -2.12 -0.91
N ASP B 270 -23.50 -2.32 -1.81
CA ASP B 270 -22.11 -2.56 -1.46
C ASP B 270 -21.49 -1.41 -0.69
N VAL B 271 -21.60 -0.21 -1.25
CA VAL B 271 -21.09 0.99 -0.60
C VAL B 271 -21.93 1.36 0.63
N TYR B 272 -23.24 1.20 0.54
CA TYR B 272 -24.11 1.54 1.66
C TYR B 272 -23.85 0.68 2.89
N MET B 273 -23.68 -0.63 2.71
CA MET B 273 -23.39 -1.52 3.83
C MET B 273 -22.09 -1.17 4.54
N VAL B 274 -21.14 -0.58 3.83
CA VAL B 274 -19.92 -0.10 4.48
C VAL B 274 -20.29 1.03 5.47
N MET B 275 -20.96 2.07 4.97
CA MET B 275 -21.49 3.15 5.81
C MET B 275 -22.24 2.60 7.03
N VAL B 276 -23.17 1.68 6.79
CA VAL B 276 -23.99 1.12 7.88
C VAL B 276 -23.15 0.42 8.94
N LYS B 277 -22.17 -0.38 8.54
CA LYS B 277 -21.26 -1.03 9.49
C LYS B 277 -20.54 -0.03 10.41
N CYS B 278 -20.26 1.16 9.89
CA CYS B 278 -19.66 2.25 10.66
C CYS B 278 -20.56 2.78 11.76
N TRP B 279 -21.86 2.44 11.68
CA TRP B 279 -22.86 2.92 12.61
C TRP B 279 -23.47 1.78 13.41
N MET B 280 -22.69 0.72 13.62
CA MET B 280 -23.09 -0.36 14.53
C MET B 280 -23.09 0.18 15.95
N ILE B 281 -23.91 -0.42 16.81
CA ILE B 281 -24.00 0.03 18.20
C ILE B 281 -22.67 -0.29 18.89
N ASP B 282 -22.28 -1.55 18.85
CA ASP B 282 -21.00 -2.01 19.39
C ASP B 282 -19.85 -1.39 18.61
N ALA B 283 -19.08 -0.56 19.29
CA ALA B 283 -17.92 0.13 18.72
C ALA B 283 -16.90 -0.83 18.14
N ASP B 284 -16.72 -1.98 18.79
CA ASP B 284 -15.76 -3.00 18.36
C ASP B 284 -16.24 -3.81 17.14
N SER B 285 -17.53 -3.70 16.83
CA SER B 285 -18.11 -4.32 15.64
C SER B 285 -17.93 -3.50 14.36
N ARG B 286 -17.43 -2.28 14.50
CA ARG B 286 -17.29 -1.37 13.36
C ARG B 286 -16.04 -1.74 12.57
N PRO B 287 -16.07 -1.51 11.25
CA PRO B 287 -14.81 -1.74 10.54
C PRO B 287 -13.70 -0.88 11.12
N LYS B 288 -12.45 -1.31 10.95
CA LYS B 288 -11.30 -0.51 11.33
C LYS B 288 -10.90 0.32 10.13
N PHE B 289 -10.22 1.44 10.36
CA PHE B 289 -9.75 2.30 9.27
C PHE B 289 -8.91 1.60 8.22
N LYS B 290 -8.13 0.59 8.64
CA LYS B 290 -7.33 -0.17 7.67
C LYS B 290 -8.17 -1.05 6.72
N GLU B 291 -9.32 -1.51 7.20
CA GLU B 291 -10.26 -2.25 6.37
C GLU B 291 -11.04 -1.33 5.44
N LEU B 292 -11.39 -0.14 5.95
CA LEU B 292 -12.15 0.82 5.15
C LEU B 292 -11.34 1.32 3.97
N ALA B 293 -10.07 1.63 4.23
CA ALA B 293 -9.11 1.98 3.18
C ALA B 293 -8.97 0.87 2.15
N ALA B 294 -8.92 -0.37 2.62
CA ALA B 294 -8.69 -1.52 1.73
C ALA B 294 -9.91 -1.82 0.86
N GLU B 295 -11.10 -1.68 1.43
CA GLU B 295 -12.33 -2.00 0.72
C GLU B 295 -12.64 -0.92 -0.32
N PHE B 296 -12.44 0.34 0.05
CA PHE B 296 -12.69 1.44 -0.87
C PHE B 296 -11.65 1.51 -1.97
N SER B 297 -10.45 1.03 -1.65
CA SER B 297 -9.38 0.82 -2.63
C SER B 297 -9.75 -0.15 -3.75
N ARG B 298 -10.28 -1.31 -3.39
CA ARG B 298 -10.69 -2.25 -4.43
C ARG B 298 -11.93 -1.77 -5.17
N MET B 299 -12.81 -1.08 -4.47
CA MET B 299 -13.97 -0.43 -5.12
C MET B 299 -13.50 0.62 -6.14
N ALA B 300 -12.43 1.34 -5.81
CA ALA B 300 -11.85 2.35 -6.71
C ALA B 300 -11.10 1.79 -7.92
N ARG B 301 -10.89 0.47 -7.95
CA ARG B 301 -10.33 -0.20 -9.13
C ARG B 301 -11.41 -0.50 -10.16
N ASP B 302 -12.66 -0.48 -9.73
CA ASP B 302 -13.81 -0.71 -10.59
C ASP B 302 -14.98 0.19 -10.13
N PRO B 303 -14.77 1.52 -10.18
CA PRO B 303 -15.66 2.49 -9.53
C PRO B 303 -17.12 2.55 -10.01
N GLN B 304 -17.37 2.13 -11.24
CA GLN B 304 -18.73 2.13 -11.79
C GLN B 304 -19.54 0.90 -11.38
N ARG B 305 -18.85 -0.12 -10.87
CA ARG B 305 -19.51 -1.25 -10.26
C ARG B 305 -20.06 -0.89 -8.88
N TYR B 306 -19.63 0.25 -8.36
CA TYR B 306 -19.95 0.61 -6.98
C TYR B 306 -20.72 1.92 -6.76
N LEU B 307 -20.54 2.90 -7.64
CA LEU B 307 -21.34 4.13 -7.59
C LEU B 307 -21.93 4.43 -8.96
N VAL B 308 -23.24 4.67 -8.99
CA VAL B 308 -23.95 4.90 -10.25
C VAL B 308 -24.39 6.36 -10.37
N ILE B 309 -23.63 7.09 -11.17
CA ILE B 309 -23.81 8.50 -11.43
C ILE B 309 -24.03 8.61 -12.94
N GLN B 310 -25.06 9.34 -13.36
CA GLN B 310 -25.31 9.43 -14.80
C GLN B 310 -24.32 10.39 -15.46
N GLY B 311 -23.90 10.02 -16.67
CA GLY B 311 -22.87 10.74 -17.39
C GLY B 311 -21.46 10.36 -16.95
N ASP B 312 -21.35 9.28 -16.18
CA ASP B 312 -20.06 8.81 -15.65
C ASP B 312 -19.50 7.72 -16.57
N ASP B 313 -19.41 8.03 -17.86
CA ASP B 313 -18.90 7.08 -18.85
C ASP B 313 -17.44 7.39 -19.22
F1 GW7 C . 6.04 -25.38 -9.78
C1 GW7 C . 6.49 -24.58 -10.77
C2 GW7 C . 7.84 -24.30 -10.89
C3 GW7 C . 8.26 -23.48 -11.93
C4 GW7 C . 7.33 -22.95 -12.82
C5 GW7 C . 5.99 -23.24 -12.68
C6 GW7 C . 5.01 -22.67 -13.64
O1 GW7 C . 3.69 -23.01 -13.23
C7 GW7 C . 3.12 -22.01 -12.43
C8 GW7 C . 3.65 -20.73 -12.29
C9 GW7 C . 3.01 -19.82 -11.48
C10 GW7 C . 1.85 -20.13 -10.80
N1 GW7 C . 1.21 -19.19 -9.98
C11 GW7 C . 0.80 -19.39 -8.66
N2 GW7 C . 1.05 -20.51 -7.95
C12 GW7 C . 0.62 -20.57 -6.69
N3 GW7 C . -0.05 -19.66 -5.98
C13 GW7 C . -0.29 -18.54 -6.67
C14 GW7 C . -0.97 -17.40 -6.19
C15 GW7 C . -1.09 -16.39 -7.11
C16 GW7 C . -1.73 -15.07 -6.98
C17 GW7 C . -1.25 -14.05 -7.76
S1 GW7 C . -0.34 -16.86 -8.60
C18 GW7 C . 0.12 -18.40 -7.99
C19 GW7 C . 1.33 -21.41 -10.95
C20 GW7 C . 1.96 -22.33 -11.75
CL1 GW7 C . 1.27 -23.90 -11.88
C21 GW7 C . 5.58 -24.06 -11.66
F1 GW7 D . -2.16 22.11 10.93
C1 GW7 D . -3.17 21.83 11.77
C2 GW7 D . -3.31 20.55 12.25
C3 GW7 D . -4.35 20.28 13.12
C4 GW7 D . -5.23 21.27 13.48
C5 GW7 D . -5.08 22.55 12.99
C6 GW7 D . -6.05 23.62 13.39
O1 GW7 D . -5.74 24.82 12.69
C7 GW7 D . -6.47 24.94 11.51
C8 GW7 D . -7.57 24.17 11.21
C9 GW7 D . -8.25 24.37 10.01
C10 GW7 D . -7.83 25.33 9.10
N1 GW7 D . -8.54 25.54 7.90
C11 GW7 D . -7.95 25.60 6.61
N2 GW7 D . -6.65 25.40 6.36
C12 GW7 D . -6.24 25.49 5.09
N3 GW7 D . -6.94 25.73 3.98
C13 GW7 D . -8.25 25.92 4.24
C14 GW7 D . -9.26 26.20 3.27
C15 GW7 D . -10.52 26.35 3.81
C16 GW7 D . -11.82 26.64 3.18
C17 GW7 D . -12.90 25.94 3.70
S1 GW7 D . -10.45 26.15 5.52
C18 GW7 D . -8.75 25.86 5.52
C19 GW7 D . -6.73 26.10 9.42
C20 GW7 D . -6.06 25.90 10.60
CL1 GW7 D . -4.68 26.89 10.96
C21 GW7 D . -4.04 22.83 12.13
#